data_7YCQ
#
_entry.id   7YCQ
#
_cell.length_a   86.114
_cell.length_b   42.228
_cell.length_c   64.075
_cell.angle_alpha   90.000
_cell.angle_beta   90.000
_cell.angle_gamma   90.000
#
_symmetry.space_group_name_H-M   'P 21 21 2'
#
loop_
_entity.id
_entity.type
_entity.pdbx_description
1 polymer Transthyretin
2 non-polymer '5-(2,4-DIFLUOROPHENYL)-2-HYDROXY-BENZOIC ACID'
3 water water
#
_entity_poly.entity_id   1
_entity_poly.type   'polypeptide(L)'
_entity_poly.pdbx_seq_one_letter_code
;GPTGTGESKCPLMVKVLDAVRGSPAINVAVHVFRKAADDTWEPFASGKTSESGELHGLTTEEEFVEGIYKVEIDTKSYWK
ALGISPFHEHAEVVFTSNDSGPRRYTIAALLSPYSYSTTAVVTNPKE
;
_entity_poly.pdbx_strand_id   A,B
#
loop_
_chem_comp.id
_chem_comp.type
_chem_comp.name
_chem_comp.formula
1FL non-polymer '5-(2,4-DIFLUOROPHENYL)-2-HYDROXY-BENZOIC ACID' 'C13 H8 F2 O3'
#
# COMPACT_ATOMS: atom_id res chain seq x y z
N CYS A 10 -8.96 -1.71 -22.07
CA CYS A 10 -8.02 -2.79 -21.85
C CYS A 10 -8.37 -3.35 -20.48
N PRO A 11 -7.82 -4.51 -20.09
CA PRO A 11 -8.30 -5.18 -18.88
C PRO A 11 -7.81 -4.57 -17.57
N LEU A 12 -6.96 -3.54 -17.60
CA LEU A 12 -6.41 -2.98 -16.37
C LEU A 12 -6.44 -1.46 -16.50
N MET A 13 -7.13 -0.78 -15.58
CA MET A 13 -7.17 0.67 -15.61
C MET A 13 -6.92 1.18 -14.19
N VAL A 14 -6.32 2.36 -14.12
CA VAL A 14 -5.89 2.96 -12.86
C VAL A 14 -6.46 4.37 -12.78
N LYS A 15 -7.13 4.67 -11.68
CA LYS A 15 -7.75 5.97 -11.42
C LYS A 15 -7.23 6.56 -10.11
N VAL A 16 -6.81 7.81 -10.14
CA VAL A 16 -6.25 8.43 -8.95
C VAL A 16 -6.93 9.78 -8.70
N LEU A 17 -7.32 10.01 -7.45
CA LEU A 17 -8.01 11.23 -7.01
C LEU A 17 -7.21 11.89 -5.88
N ASP A 18 -7.27 13.22 -5.84
CA ASP A 18 -6.63 14.06 -4.83
C ASP A 18 -7.70 14.49 -3.81
N ALA A 19 -7.57 14.01 -2.56
CA ALA A 19 -8.51 14.27 -1.47
C ALA A 19 -8.31 15.63 -0.81
N VAL A 20 -7.19 16.30 -1.07
CA VAL A 20 -6.96 17.65 -0.56
C VAL A 20 -7.65 18.67 -1.45
N ARG A 21 -7.62 18.43 -2.75
CA ARG A 21 -8.12 19.34 -3.75
C ARG A 21 -9.53 18.97 -4.19
N GLY A 22 -9.93 17.71 -4.00
CA GLY A 22 -11.17 17.27 -4.58
C GLY A 22 -11.12 17.33 -6.10
N SER A 23 -10.06 16.75 -6.66
CA SER A 23 -9.84 16.79 -8.09
CA SER A 23 -9.80 16.80 -8.09
C SER A 23 -9.19 15.47 -8.51
N PRO A 24 -9.24 15.15 -9.80
CA PRO A 24 -8.38 14.07 -10.29
C PRO A 24 -6.92 14.39 -9.98
N ALA A 25 -6.15 13.34 -9.66
CA ALA A 25 -4.70 13.45 -9.50
C ALA A 25 -4.05 13.29 -10.87
N ILE A 26 -3.46 14.35 -11.35
CA ILE A 26 -3.06 14.50 -12.73
C ILE A 26 -1.57 14.21 -12.82
N ASN A 27 -1.14 13.54 -13.89
CA ASN A 27 0.31 13.32 -14.11
C ASN A 27 0.92 12.41 -13.05
N VAL A 28 0.16 11.45 -12.52
CA VAL A 28 0.67 10.51 -11.52
C VAL A 28 1.32 9.33 -12.25
N ALA A 29 2.61 9.11 -12.00
CA ALA A 29 3.29 7.96 -12.61
C ALA A 29 2.85 6.67 -11.93
N VAL A 30 2.72 5.61 -12.74
CA VAL A 30 2.26 4.30 -12.30
C VAL A 30 3.12 3.25 -12.96
N HIS A 31 3.70 2.35 -12.16
CA HIS A 31 4.52 1.27 -12.64
C HIS A 31 3.86 -0.02 -12.20
N VAL A 32 3.67 -0.94 -13.14
CA VAL A 32 3.06 -2.24 -12.88
C VAL A 32 4.16 -3.28 -12.95
N PHE A 33 4.19 -4.17 -11.96
CA PHE A 33 5.14 -5.27 -11.98
C PHE A 33 4.37 -6.58 -11.90
N ARG A 34 5.02 -7.65 -12.37
CA ARG A 34 4.47 -9.00 -12.32
C ARG A 34 5.51 -9.94 -11.73
N LYS A 35 5.12 -10.75 -10.75
CA LYS A 35 6.08 -11.65 -10.13
C LYS A 35 6.54 -12.71 -11.14
N ALA A 36 7.85 -12.85 -11.27
CA ALA A 36 8.47 -13.76 -12.21
C ALA A 36 8.56 -15.16 -11.63
N ALA A 37 8.97 -16.10 -12.49
CA ALA A 37 9.07 -17.51 -12.11
C ALA A 37 10.04 -17.70 -10.94
N ASP A 38 11.04 -16.83 -10.84
CA ASP A 38 11.99 -16.80 -9.74
C ASP A 38 11.57 -15.85 -8.63
N ASP A 39 10.26 -15.61 -8.49
CA ASP A 39 9.61 -14.74 -7.51
C ASP A 39 10.29 -13.40 -7.24
N THR A 40 10.89 -12.79 -8.26
CA THR A 40 11.23 -11.37 -8.22
C THR A 40 10.18 -10.58 -8.98
N TRP A 41 10.21 -9.26 -8.80
CA TRP A 41 9.26 -8.38 -9.48
C TRP A 41 9.86 -7.96 -10.83
N GLU A 42 9.25 -8.45 -11.91
CA GLU A 42 9.60 -8.07 -13.27
C GLU A 42 8.75 -6.90 -13.73
N PRO A 43 9.37 -5.89 -14.36
CA PRO A 43 8.60 -4.76 -14.89
C PRO A 43 7.58 -5.25 -15.92
N PHE A 44 6.39 -4.67 -15.87
CA PHE A 44 5.33 -5.15 -16.74
C PHE A 44 4.77 -4.07 -17.64
N ALA A 45 4.43 -2.91 -17.09
CA ALA A 45 3.93 -1.80 -17.88
C ALA A 45 4.00 -0.56 -17.00
N SER A 46 3.97 0.60 -17.64
CA SER A 46 3.93 1.83 -16.85
C SER A 46 3.28 2.93 -17.68
N GLY A 47 2.88 4.00 -16.98
CA GLY A 47 2.28 5.15 -17.62
C GLY A 47 2.00 6.21 -16.58
N LYS A 48 1.19 7.20 -16.95
CA LYS A 48 0.83 8.23 -15.99
C LYS A 48 -0.58 8.73 -16.26
N THR A 49 -1.22 9.22 -15.20
CA THR A 49 -2.63 9.56 -15.29
C THR A 49 -2.80 10.80 -16.15
N SER A 50 -3.96 10.88 -16.80
CA SER A 50 -4.29 12.01 -17.64
C SER A 50 -4.96 13.10 -16.80
N GLU A 51 -5.56 14.08 -17.49
CA GLU A 51 -6.30 15.16 -16.82
C GLU A 51 -7.52 14.64 -16.09
N SER A 52 -8.06 13.49 -16.49
CA SER A 52 -9.18 12.91 -15.76
C SER A 52 -8.72 12.09 -14.57
N GLY A 53 -7.41 11.97 -14.35
CA GLY A 53 -6.93 11.09 -13.30
C GLY A 53 -6.93 9.64 -13.67
N GLU A 54 -7.14 9.32 -14.94
CA GLU A 54 -7.21 7.96 -15.42
C GLU A 54 -5.98 7.60 -16.22
N LEU A 55 -5.61 6.32 -16.13
CA LEU A 55 -4.50 5.75 -16.88
C LEU A 55 -5.06 4.56 -17.66
N HIS A 56 -5.27 4.75 -18.96
CA HIS A 56 -5.78 3.73 -19.85
C HIS A 56 -4.63 3.14 -20.67
N GLY A 57 -4.88 1.95 -21.24
CA GLY A 57 -3.94 1.39 -22.19
C GLY A 57 -2.65 0.87 -21.60
N LEU A 58 -2.64 0.52 -20.31
CA LEU A 58 -1.43 -0.02 -19.73
C LEU A 58 -1.01 -1.31 -20.42
N THR A 59 -1.99 -2.15 -20.78
CA THR A 59 -1.69 -3.49 -21.28
C THR A 59 -2.81 -3.94 -22.21
N THR A 60 -2.70 -5.18 -22.68
CA THR A 60 -3.70 -5.79 -23.57
C THR A 60 -4.20 -7.07 -22.92
N GLU A 61 -5.37 -7.50 -23.36
CA GLU A 61 -5.90 -8.77 -22.88
C GLU A 61 -4.90 -9.90 -23.12
N GLU A 62 -4.20 -9.89 -24.25
CA GLU A 62 -3.26 -10.97 -24.55
C GLU A 62 -2.09 -10.98 -23.58
N GLU A 63 -1.60 -9.80 -23.19
CA GLU A 63 -0.42 -9.74 -22.35
C GLU A 63 -0.72 -9.82 -20.87
N PHE A 64 -1.94 -9.47 -20.43
CA PHE A 64 -2.31 -9.49 -19.03
C PHE A 64 -2.71 -10.91 -18.62
N VAL A 65 -1.70 -11.79 -18.56
CA VAL A 65 -1.90 -13.19 -18.23
C VAL A 65 -2.07 -13.36 -16.73
N GLU A 66 -2.47 -14.57 -16.31
CA GLU A 66 -2.54 -14.88 -14.89
C GLU A 66 -1.22 -14.55 -14.22
N GLY A 67 -1.29 -14.15 -12.96
CA GLY A 67 -0.07 -13.92 -12.22
C GLY A 67 -0.32 -13.01 -11.04
N ILE A 68 0.75 -12.71 -10.33
CA ILE A 68 0.70 -11.84 -9.16
C ILE A 68 1.26 -10.50 -9.59
N TYR A 69 0.47 -9.44 -9.45
CA TYR A 69 0.80 -8.13 -9.99
C TYR A 69 0.98 -7.14 -8.85
N LYS A 70 1.82 -6.15 -9.10
CA LYS A 70 1.97 -5.03 -8.17
C LYS A 70 1.81 -3.74 -8.97
N VAL A 71 0.83 -2.94 -8.59
CA VAL A 71 0.61 -1.61 -9.15
C VAL A 71 1.21 -0.62 -8.17
N GLU A 72 2.32 0.01 -8.56
CA GLU A 72 2.96 1.04 -7.75
CA GLU A 72 2.96 1.04 -7.75
C GLU A 72 2.54 2.41 -8.26
N ILE A 73 1.87 3.16 -7.41
CA ILE A 73 1.45 4.52 -7.71
C ILE A 73 2.41 5.46 -7.04
N ASP A 74 3.09 6.29 -7.84
CA ASP A 74 4.20 7.09 -7.34
C ASP A 74 3.68 8.36 -6.65
N THR A 75 3.09 8.15 -5.46
CA THR A 75 2.44 9.26 -4.77
C THR A 75 3.45 10.31 -4.29
N LYS A 76 4.62 9.87 -3.83
CA LYS A 76 5.61 10.82 -3.32
C LYS A 76 6.01 11.82 -4.40
N SER A 77 6.30 11.32 -5.62
CA SER A 77 6.64 12.23 -6.71
C SER A 77 5.49 13.14 -7.06
N TYR A 78 4.24 12.66 -6.94
CA TYR A 78 3.09 13.50 -7.19
C TYR A 78 3.01 14.67 -6.22
N TRP A 79 3.11 14.38 -4.92
CA TRP A 79 2.97 15.45 -3.93
C TRP A 79 4.14 16.41 -4.01
N LYS A 80 5.34 15.90 -4.25
CA LYS A 80 6.51 16.76 -4.30
C LYS A 80 6.46 17.69 -5.51
N ALA A 81 5.94 17.21 -6.64
CA ALA A 81 5.78 18.07 -7.80
C ALA A 81 4.81 19.20 -7.52
N LEU A 82 3.93 19.04 -6.53
CA LEU A 82 3.01 20.09 -6.12
C LEU A 82 3.54 20.89 -4.93
N GLY A 83 4.79 20.69 -4.55
CA GLY A 83 5.39 21.46 -3.48
C GLY A 83 5.14 20.97 -2.07
N ILE A 84 4.77 19.69 -1.91
CA ILE A 84 4.37 19.12 -0.63
C ILE A 84 5.23 17.90 -0.30
N SER A 85 5.57 17.75 0.98
CA SER A 85 6.39 16.66 1.48
C SER A 85 5.48 15.59 2.11
N PRO A 86 5.18 14.48 1.40
CA PRO A 86 4.21 13.52 1.94
C PRO A 86 4.88 12.44 2.78
N PHE A 87 4.08 11.55 3.37
CA PHE A 87 4.57 10.49 4.23
C PHE A 87 5.04 9.28 3.42
N HIS A 88 4.22 8.82 2.48
CA HIS A 88 4.47 7.56 1.79
C HIS A 88 5.44 7.74 0.64
N GLU A 89 6.25 6.70 0.42
CA GLU A 89 7.07 6.62 -0.78
C GLU A 89 6.20 6.39 -2.01
N HIS A 90 5.26 5.46 -1.93
CA HIS A 90 4.30 5.24 -3.00
C HIS A 90 3.12 4.49 -2.41
N ALA A 91 2.16 4.17 -3.27
CA ALA A 91 1.03 3.34 -2.88
C ALA A 91 1.10 2.08 -3.73
N GLU A 92 1.25 0.93 -3.06
CA GLU A 92 1.48 -0.35 -3.71
C GLU A 92 0.24 -1.23 -3.55
N VAL A 93 -0.33 -1.66 -4.67
CA VAL A 93 -1.49 -2.54 -4.68
C VAL A 93 -1.06 -3.88 -5.26
N VAL A 94 -1.14 -4.94 -4.46
CA VAL A 94 -0.65 -6.25 -4.85
C VAL A 94 -1.81 -7.23 -4.87
N PHE A 95 -1.99 -7.90 -6.01
CA PHE A 95 -3.11 -8.81 -6.14
C PHE A 95 -2.77 -9.89 -7.16
N THR A 96 -3.45 -11.02 -7.02
CA THR A 96 -3.41 -12.12 -7.97
C THR A 96 -4.56 -11.99 -8.95
N SER A 97 -4.27 -12.20 -10.24
CA SER A 97 -5.32 -12.23 -11.25
C SER A 97 -5.50 -13.65 -11.77
N ASN A 98 -6.75 -13.97 -12.13
CA ASN A 98 -7.07 -15.23 -12.81
C ASN A 98 -8.00 -14.97 -13.98
N ARG A 103 -12.44 -10.07 -17.95
CA ARG A 103 -12.44 -9.36 -16.67
C ARG A 103 -11.68 -8.03 -16.74
N ARG A 104 -12.35 -6.95 -16.32
CA ARG A 104 -11.73 -5.63 -16.21
C ARG A 104 -11.43 -5.33 -14.74
N TYR A 105 -10.20 -4.94 -14.46
CA TYR A 105 -9.79 -4.46 -13.16
C TYR A 105 -9.64 -2.95 -13.24
N THR A 106 -10.29 -2.24 -12.34
CA THR A 106 -10.02 -0.83 -12.13
C THR A 106 -9.39 -0.70 -10.75
N ILE A 107 -8.17 -0.17 -10.70
CA ILE A 107 -7.49 0.08 -9.43
C ILE A 107 -7.65 1.56 -9.15
N ALA A 108 -8.41 1.89 -8.11
CA ALA A 108 -8.65 3.28 -7.72
C ALA A 108 -7.87 3.60 -6.46
N ALA A 109 -7.30 4.81 -6.41
CA ALA A 109 -6.61 5.30 -5.22
C ALA A 109 -7.01 6.74 -4.93
N LEU A 110 -7.15 7.03 -3.65
CA LEU A 110 -7.51 8.36 -3.17
C LEU A 110 -6.38 8.84 -2.27
N LEU A 111 -5.80 10.00 -2.58
CA LEU A 111 -4.54 10.41 -1.98
C LEU A 111 -4.68 11.64 -1.08
N SER A 112 -4.10 11.56 0.11
CA SER A 112 -3.82 12.66 1.03
C SER A 112 -2.35 12.57 1.41
N PRO A 113 -1.77 13.65 1.93
CA PRO A 113 -0.33 13.63 2.18
C PRO A 113 0.11 12.55 3.16
N TYR A 114 -0.69 12.21 4.17
CA TYR A 114 -0.31 11.18 5.15
C TYR A 114 -1.23 9.96 5.10
N SER A 115 -2.01 9.81 4.04
CA SER A 115 -2.99 8.74 3.95
C SER A 115 -3.25 8.40 2.50
N TYR A 116 -3.58 7.14 2.23
CA TYR A 116 -4.22 6.80 0.97
C TYR A 116 -5.21 5.66 1.19
N SER A 117 -6.21 5.62 0.30
CA SER A 117 -7.18 4.55 0.23
C SER A 117 -7.07 3.96 -1.16
N THR A 118 -7.30 2.66 -1.26
CA THR A 118 -7.27 2.04 -2.57
C THR A 118 -8.38 1.00 -2.65
N THR A 119 -9.04 0.95 -3.81
CA THR A 119 -10.12 0.02 -4.03
C THR A 119 -9.93 -0.68 -5.36
N ALA A 120 -10.43 -1.90 -5.45
CA ALA A 120 -10.44 -2.64 -6.69
C ALA A 120 -11.87 -2.81 -7.15
N VAL A 121 -12.15 -2.44 -8.40
CA VAL A 121 -13.47 -2.66 -9.00
C VAL A 121 -13.25 -3.67 -10.11
N VAL A 122 -13.84 -4.85 -9.96
CA VAL A 122 -13.59 -5.94 -10.89
C VAL A 122 -14.91 -6.32 -11.52
N THR A 123 -14.98 -6.22 -12.85
CA THR A 123 -16.21 -6.48 -13.61
C THR A 123 -15.83 -7.29 -14.85
N ASN A 124 -16.79 -7.45 -15.76
CA ASN A 124 -16.59 -8.19 -17.00
C ASN A 124 -16.77 -7.30 -18.25
N CYS B 10 8.74 2.66 22.32
CA CYS B 10 8.81 2.08 20.98
C CYS B 10 8.29 3.10 19.96
N PRO B 11 9.10 3.36 18.92
CA PRO B 11 8.77 4.40 17.96
C PRO B 11 7.85 3.97 16.82
N LEU B 12 7.43 2.71 16.75
CA LEU B 12 6.64 2.24 15.62
C LEU B 12 5.54 1.33 16.14
N MET B 13 4.28 1.71 15.91
CA MET B 13 3.11 0.91 16.25
C MET B 13 2.26 0.69 15.01
N VAL B 14 1.57 -0.45 14.98
CA VAL B 14 0.72 -0.80 13.85
C VAL B 14 -0.64 -1.19 14.41
N LYS B 15 -1.69 -0.61 13.85
CA LYS B 15 -3.04 -0.90 14.27
C LYS B 15 -3.89 -1.23 13.04
N VAL B 16 -4.73 -2.24 13.16
CA VAL B 16 -5.52 -2.75 12.04
C VAL B 16 -6.97 -2.91 12.47
N LEU B 17 -7.89 -2.40 11.66
CA LEU B 17 -9.32 -2.50 11.95
C LEU B 17 -10.05 -3.21 10.81
N ASP B 18 -11.20 -3.80 11.13
CA ASP B 18 -12.01 -4.58 10.20
C ASP B 18 -13.29 -3.80 9.92
N ALA B 19 -13.48 -3.36 8.67
CA ALA B 19 -14.64 -2.56 8.28
C ALA B 19 -15.89 -3.40 7.97
N VAL B 20 -15.76 -4.72 7.88
CA VAL B 20 -16.90 -5.60 7.61
C VAL B 20 -17.62 -5.94 8.89
N ARG B 21 -16.88 -6.34 9.92
CA ARG B 21 -17.44 -6.67 11.21
C ARG B 21 -17.44 -5.51 12.20
N GLY B 22 -16.76 -4.40 11.89
CA GLY B 22 -16.69 -3.28 12.82
C GLY B 22 -15.93 -3.63 14.08
N SER B 23 -14.71 -4.14 13.92
CA SER B 23 -13.97 -4.68 15.04
C SER B 23 -12.48 -4.47 14.80
N PRO B 24 -11.65 -4.63 15.83
CA PRO B 24 -10.21 -4.74 15.57
C PRO B 24 -9.97 -5.94 14.68
N ALA B 25 -8.93 -5.85 13.86
CA ALA B 25 -8.49 -7.01 13.10
C ALA B 25 -7.47 -7.75 13.96
N ILE B 26 -7.88 -8.91 14.47
CA ILE B 26 -7.16 -9.65 15.49
C ILE B 26 -6.29 -10.71 14.82
N ASN B 27 -5.05 -10.87 15.31
CA ASN B 27 -4.17 -11.95 14.86
C ASN B 27 -3.73 -11.77 13.40
N VAL B 28 -3.59 -10.53 12.98
CA VAL B 28 -3.08 -10.20 11.66
C VAL B 28 -1.56 -10.18 11.71
N ALA B 29 -0.93 -10.97 10.83
CA ALA B 29 0.53 -10.95 10.75
C ALA B 29 0.99 -9.66 10.08
N VAL B 30 2.01 -9.05 10.67
CA VAL B 30 2.63 -7.82 10.19
C VAL B 30 4.14 -8.07 10.09
N HIS B 31 4.73 -7.76 8.93
CA HIS B 31 6.17 -7.88 8.71
C HIS B 31 6.75 -6.53 8.31
N VAL B 32 7.80 -6.12 8.99
CA VAL B 32 8.46 -4.85 8.70
C VAL B 32 9.80 -5.15 8.07
N PHE B 33 10.15 -4.38 7.04
CA PHE B 33 11.43 -4.52 6.34
C PHE B 33 12.09 -3.15 6.25
N ARG B 34 13.41 -3.13 6.12
CA ARG B 34 14.11 -1.89 5.82
C ARG B 34 14.95 -2.05 4.57
N LYS B 35 14.96 -1.03 3.73
CA LYS B 35 15.73 -1.08 2.50
C LYS B 35 17.23 -1.10 2.83
N ALA B 36 17.91 -2.14 2.34
CA ALA B 36 19.35 -2.26 2.44
C ALA B 36 20.03 -1.40 1.37
N ALA B 37 21.34 -1.23 1.53
CA ALA B 37 22.10 -0.37 0.62
C ALA B 37 22.00 -0.85 -0.84
N ASP B 38 21.88 -2.16 -1.06
CA ASP B 38 21.74 -2.72 -2.40
C ASP B 38 20.30 -2.72 -2.92
N ASP B 39 19.39 -2.02 -2.24
CA ASP B 39 18.01 -1.79 -2.64
C ASP B 39 17.12 -3.01 -2.48
N THR B 40 17.57 -4.03 -1.74
CA THR B 40 16.70 -5.14 -1.37
C THR B 40 16.08 -4.88 0.00
N TRP B 41 14.99 -5.59 0.28
CA TRP B 41 14.25 -5.41 1.52
C TRP B 41 14.76 -6.41 2.55
N GLU B 42 15.41 -5.89 3.63
CA GLU B 42 15.94 -6.72 4.74
C GLU B 42 14.85 -6.88 5.80
N PRO B 43 14.51 -8.10 6.21
CA PRO B 43 13.64 -8.27 7.37
C PRO B 43 14.13 -7.45 8.55
N PHE B 44 13.20 -6.78 9.21
CA PHE B 44 13.51 -5.89 10.33
C PHE B 44 12.73 -6.21 11.60
N ALA B 45 11.43 -6.54 11.49
CA ALA B 45 10.62 -6.86 12.67
C ALA B 45 9.32 -7.47 12.20
N SER B 46 8.64 -8.18 13.12
CA SER B 46 7.35 -8.77 12.78
C SER B 46 6.58 -9.12 14.05
N GLY B 47 5.30 -9.41 13.86
CA GLY B 47 4.43 -9.77 14.97
C GLY B 47 3.03 -10.01 14.46
N LYS B 48 2.10 -10.24 15.40
CA LYS B 48 0.69 -10.25 15.07
C LYS B 48 -0.11 -9.34 15.99
N THR B 49 -1.15 -8.72 15.40
CA THR B 49 -1.99 -7.78 16.15
C THR B 49 -2.66 -8.50 17.29
N SER B 50 -2.81 -7.78 18.39
CA SER B 50 -3.41 -8.29 19.62
C SER B 50 -4.93 -8.34 19.45
N GLU B 51 -5.63 -8.63 20.55
CA GLU B 51 -7.08 -8.60 20.52
C GLU B 51 -7.63 -7.18 20.37
N SER B 52 -6.82 -6.16 20.63
CA SER B 52 -7.22 -4.80 20.34
C SER B 52 -6.85 -4.39 18.91
N GLY B 53 -6.32 -5.30 18.09
CA GLY B 53 -5.93 -4.95 16.75
C GLY B 53 -4.63 -4.18 16.65
N GLU B 54 -3.89 -4.06 17.75
CA GLU B 54 -2.65 -3.30 17.80
C GLU B 54 -1.45 -4.23 17.93
N LEU B 55 -0.33 -3.77 17.40
CA LEU B 55 0.92 -4.51 17.48
C LEU B 55 1.96 -3.57 18.06
N HIS B 56 2.31 -3.78 19.32
CA HIS B 56 3.26 -2.97 20.06
C HIS B 56 4.61 -3.67 20.10
N GLY B 57 5.64 -2.89 20.39
CA GLY B 57 6.93 -3.47 20.71
C GLY B 57 7.69 -4.00 19.52
N LEU B 58 7.35 -3.59 18.29
CA LEU B 58 8.12 -4.10 17.16
C LEU B 58 9.59 -3.73 17.23
N THR B 59 9.94 -2.58 17.80
CA THR B 59 11.33 -2.15 17.67
C THR B 59 11.67 -1.19 18.80
N THR B 60 12.92 -0.78 18.85
CA THR B 60 13.38 0.20 19.83
C THR B 60 13.87 1.46 19.12
N GLU B 61 13.98 2.56 19.86
CA GLU B 61 14.58 3.75 19.28
C GLU B 61 15.98 3.46 18.77
N GLU B 62 16.72 2.61 19.47
CA GLU B 62 18.09 2.27 19.08
C GLU B 62 18.14 1.71 17.67
N GLU B 63 17.28 0.74 17.37
CA GLU B 63 17.29 0.06 16.07
C GLU B 63 16.48 0.71 14.95
N PHE B 64 15.64 1.67 15.29
CA PHE B 64 14.80 2.35 14.28
C PHE B 64 15.53 3.59 13.76
N VAL B 65 16.64 3.35 13.04
CA VAL B 65 17.40 4.45 12.44
C VAL B 65 16.68 4.96 11.19
N GLU B 66 17.08 6.16 10.75
CA GLU B 66 16.52 6.73 9.54
C GLU B 66 16.74 5.79 8.37
N GLY B 67 15.71 5.65 7.54
CA GLY B 67 15.79 4.77 6.40
C GLY B 67 14.41 4.62 5.79
N ILE B 68 14.34 3.77 4.78
CA ILE B 68 13.08 3.49 4.10
C ILE B 68 12.56 2.16 4.62
N TYR B 69 11.31 2.15 5.08
CA TYR B 69 10.74 0.98 5.71
C TYR B 69 9.49 0.55 4.96
N LYS B 70 9.28 -0.75 4.91
CA LYS B 70 8.07 -1.33 4.35
C LYS B 70 7.34 -2.11 5.43
N VAL B 71 6.07 -1.78 5.65
CA VAL B 71 5.23 -2.52 6.57
C VAL B 71 4.25 -3.32 5.74
N GLU B 72 4.31 -4.64 5.87
CA GLU B 72 3.46 -5.54 5.12
C GLU B 72 2.45 -6.14 6.09
N ILE B 73 1.17 -5.91 5.80
CA ILE B 73 0.06 -6.39 6.60
C ILE B 73 -0.59 -7.52 5.80
N ASP B 74 -0.63 -8.73 6.37
CA ASP B 74 -1.07 -9.92 5.62
CA ASP B 74 -1.06 -9.91 5.61
C ASP B 74 -2.58 -9.98 5.63
N THR B 75 -3.20 -9.11 4.83
CA THR B 75 -4.65 -9.03 4.79
C THR B 75 -5.28 -10.28 4.22
N LYS B 76 -4.64 -10.92 3.23
CA LYS B 76 -5.25 -12.07 2.58
C LYS B 76 -5.51 -13.21 3.55
N SER B 77 -4.51 -13.56 4.39
CA SER B 77 -4.70 -14.62 5.39
C SER B 77 -5.73 -14.23 6.43
N TYR B 78 -5.82 -12.94 6.76
CA TYR B 78 -6.85 -12.51 7.70
C TYR B 78 -8.24 -12.83 7.18
N TRP B 79 -8.53 -12.40 5.92
CA TRP B 79 -9.86 -12.63 5.34
C TRP B 79 -10.14 -14.12 5.13
N LYS B 80 -9.15 -14.89 4.67
CA LYS B 80 -9.39 -16.32 4.47
C LYS B 80 -9.75 -17.02 5.76
N ALA B 81 -9.07 -16.67 6.87
CA ALA B 81 -9.38 -17.30 8.14
C ALA B 81 -10.78 -16.96 8.62
N LEU B 82 -11.37 -15.87 8.12
CA LEU B 82 -12.77 -15.55 8.39
C LEU B 82 -13.73 -16.14 7.37
N GLY B 83 -13.23 -16.90 6.39
CA GLY B 83 -14.10 -17.41 5.34
C GLY B 83 -14.56 -16.40 4.30
N ILE B 84 -13.78 -15.33 4.04
CA ILE B 84 -14.20 -14.23 3.17
C ILE B 84 -13.18 -14.07 2.06
N SER B 85 -13.66 -13.96 0.83
CA SER B 85 -12.77 -13.89 -0.33
CA SER B 85 -12.77 -13.89 -0.33
C SER B 85 -12.18 -12.49 -0.48
N PRO B 86 -10.84 -12.33 -0.37
CA PRO B 86 -10.26 -10.99 -0.47
C PRO B 86 -9.68 -10.68 -1.85
N PHE B 87 -9.40 -9.41 -2.12
CA PHE B 87 -8.74 -9.05 -3.36
C PHE B 87 -7.22 -8.99 -3.25
N HIS B 88 -6.70 -8.25 -2.28
CA HIS B 88 -5.27 -7.98 -2.21
C HIS B 88 -4.49 -9.13 -1.59
N GLU B 89 -3.24 -9.29 -2.03
CA GLU B 89 -2.31 -10.20 -1.34
C GLU B 89 -2.01 -9.69 0.07
N HIS B 90 -1.76 -8.40 0.19
CA HIS B 90 -1.48 -7.77 1.47
C HIS B 90 -1.62 -6.27 1.28
N ALA B 91 -1.48 -5.56 2.38
CA ALA B 91 -1.38 -4.10 2.37
C ALA B 91 0.06 -3.72 2.66
N GLU B 92 0.63 -2.85 1.82
CA GLU B 92 2.01 -2.40 1.97
C GLU B 92 2.02 -0.91 2.28
N VAL B 93 2.76 -0.54 3.32
CA VAL B 93 2.99 0.85 3.64
C VAL B 93 4.50 1.06 3.57
N VAL B 94 4.93 1.95 2.68
CA VAL B 94 6.34 2.23 2.44
C VAL B 94 6.59 3.70 2.73
N PHE B 95 7.57 3.98 3.60
CA PHE B 95 7.84 5.34 3.99
C PHE B 95 9.30 5.48 4.40
N THR B 96 9.77 6.72 4.39
CA THR B 96 11.10 7.09 4.91
C THR B 96 10.91 7.66 6.31
N SER B 97 11.52 7.05 7.30
CA SER B 97 11.50 7.63 8.63
C SER B 97 12.44 8.82 8.67
N ASN B 98 12.15 9.78 9.55
CA ASN B 98 12.92 11.02 9.62
CA ASN B 98 12.97 10.99 9.62
C ASN B 98 13.10 11.39 11.08
N ASP B 99 14.34 11.65 11.50
CA ASP B 99 14.57 11.98 12.90
C ASP B 99 14.21 13.42 13.23
N SER B 100 14.25 14.31 12.25
CA SER B 100 13.87 15.70 12.50
C SER B 100 12.40 15.80 12.87
N GLY B 101 11.54 15.02 12.18
CA GLY B 101 10.13 15.02 12.47
C GLY B 101 9.80 14.38 13.82
N PRO B 102 8.49 14.35 14.15
CA PRO B 102 8.06 13.76 15.43
C PRO B 102 8.55 12.33 15.69
N ARG B 103 8.45 11.89 16.95
CA ARG B 103 9.15 10.72 17.45
C ARG B 103 8.42 9.40 17.22
N ARG B 104 7.09 9.36 17.23
CA ARG B 104 6.34 8.11 17.24
C ARG B 104 5.55 7.96 15.95
N TYR B 105 5.61 6.79 15.34
CA TYR B 105 4.87 6.47 14.13
C TYR B 105 3.79 5.45 14.47
N THR B 106 2.52 5.81 14.25
CA THR B 106 1.47 4.81 14.23
C THR B 106 1.01 4.63 12.80
N ILE B 107 1.09 3.40 12.32
CA ILE B 107 0.61 3.03 11.00
C ILE B 107 -0.72 2.32 11.20
N ALA B 108 -1.80 2.91 10.68
CA ALA B 108 -3.13 2.37 10.88
C ALA B 108 -3.73 1.97 9.56
N ALA B 109 -4.43 0.83 9.55
CA ALA B 109 -5.01 0.31 8.33
C ALA B 109 -6.43 -0.12 8.61
N LEU B 110 -7.36 0.33 7.78
CA LEU B 110 -8.76 -0.08 7.81
C LEU B 110 -9.01 -1.01 6.64
N LEU B 111 -9.46 -2.24 6.90
CA LEU B 111 -9.53 -3.30 5.91
C LEU B 111 -10.96 -3.62 5.50
N SER B 112 -11.19 -3.71 4.20
CA SER B 112 -12.34 -4.31 3.55
C SER B 112 -11.82 -5.33 2.57
N PRO B 113 -12.65 -6.28 2.15
CA PRO B 113 -12.13 -7.34 1.27
C PRO B 113 -11.59 -6.84 -0.06
N TYR B 114 -12.22 -5.83 -0.67
CA TYR B 114 -11.69 -5.26 -1.91
C TYR B 114 -11.15 -3.85 -1.74
N SER B 115 -10.92 -3.41 -0.50
CA SER B 115 -10.41 -2.07 -0.31
C SER B 115 -9.64 -1.97 0.99
N TYR B 116 -8.64 -1.08 1.04
CA TYR B 116 -8.08 -0.72 2.33
C TYR B 116 -7.61 0.73 2.31
N SER B 117 -7.59 1.30 3.51
CA SER B 117 -7.07 2.63 3.77
C SER B 117 -5.93 2.51 4.75
N THR B 118 -4.92 3.35 4.58
CA THR B 118 -3.85 3.41 5.56
C THR B 118 -3.46 4.86 5.82
N THR B 119 -3.17 5.16 7.08
CA THR B 119 -2.79 6.51 7.49
CA THR B 119 -2.81 6.50 7.50
C THR B 119 -1.64 6.42 8.47
N ALA B 120 -0.83 7.47 8.51
CA ALA B 120 0.23 7.62 9.48
C ALA B 120 -0.17 8.67 10.49
N VAL B 121 -0.08 8.33 11.77
CA VAL B 121 -0.22 9.29 12.85
C VAL B 121 1.16 9.43 13.46
N VAL B 122 1.76 10.61 13.29
CA VAL B 122 3.15 10.85 13.67
C VAL B 122 3.13 11.92 14.72
N THR B 123 3.52 11.57 15.96
CA THR B 123 3.32 12.42 17.13
C THR B 123 4.56 12.37 18.02
N ASN B 124 4.42 12.90 19.23
CA ASN B 124 5.47 12.88 20.26
C ASN B 124 5.00 12.22 21.58
FAT 1FL C . -12.87 2.81 -6.02
CAN 1FL C . -13.53 3.77 -6.64
CAM 1FL C . -13.86 3.50 -7.98
CAF 1FL C . -14.56 4.49 -8.63
FAE 1FL C . -14.90 4.24 -9.98
CAG 1FL C . -14.93 5.69 -8.08
CAH 1FL C . -14.59 5.92 -6.75
CAO 1FL C . -13.88 4.98 -5.98
CAP 1FL C . -13.53 5.31 -4.57
CAI 1FL C . -14.30 6.20 -3.83
CAJ 1FL C . -13.99 6.55 -2.51
CAC 1FL C . -14.86 7.51 -1.77
OAD 1FL C . -14.38 8.14 -0.82
OAB 1FL C . -16.01 7.60 -2.23
CAQ 1FL C . -12.41 4.77 -3.92
CAR 1FL C . -12.07 5.10 -2.60
CAK 1FL C . -12.88 5.99 -1.90
OAL 1FL C . -12.62 6.37 -0.62
FAT 1FL D . -5.93 5.67 11.82
CAN 1FL D . -6.75 5.16 12.74
CAM 1FL D . -6.27 5.16 14.06
CAF 1FL D . -7.12 4.65 15.02
FAE 1FL D . -6.65 4.65 16.34
CAG 1FL D . -8.36 4.12 14.75
CAH 1FL D . -8.79 4.14 13.43
CAO 1FL D . -8.02 4.65 12.37
CAP 1FL D . -8.52 4.65 10.96
CAI 1FL D . -9.81 5.09 10.71
CAJ 1FL D . -10.36 5.14 9.45
CAC 1FL D . -11.80 5.62 9.29
OAD 1FL D . -12.18 6.41 10.18
OAB 1FL D . -12.48 5.19 8.36
CAQ 1FL D . -7.75 4.25 9.85
CAR 1FL D . -8.28 4.30 8.56
CAK 1FL D . -9.59 4.74 8.37
OAL 1FL D . -10.18 4.82 7.14
#